data_4B5Q
#
_entry.id   4B5Q
#
_cell.length_a   149.308
_cell.length_b   37.521
_cell.length_c   79.848
_cell.angle_alpha   90.00
_cell.angle_beta   117.41
_cell.angle_gamma   90.00
#
_symmetry.space_group_name_H-M   'C 1 2 1'
#
loop_
_entity.id
_entity.type
_entity.pdbx_description
1 polymer 'GLYCOSIDE HYDROLASE FAMILY 61 PROTEIN D'
2 non-polymer 'COPPER (II) ION'
3 non-polymer GLYCEROL
4 non-polymer alpha-D-mannopyranose
5 water water
#
_entity_poly.entity_id   1
_entity_poly.type   'polypeptide(L)'
_entity_poly.pdbx_seq_one_letter_code
;HYTFPDFIEPSGTVTGDWVYVRETQNHYSNGPVTDVTSPEFRCYELDLQNTAGQTQTATVSAGDTVGFKANSAIYHPGYL
DVMMSPASPAANSPEAGTGQTWFKIYEEKPQFENGQLVFDTTQQEVTFTIPKSLPSGQYLLRIEQIALHVASSYGGAQFY
IGCAQLNVENGGNGTPGPLVSIPGVYTGYEPGILINIYNLPKNFTGYPAPGPAVWQG
;
_entity_poly.pdbx_strand_id   A,B
#
loop_
_chem_comp.id
_chem_comp.type
_chem_comp.name
_chem_comp.formula
CU non-polymer 'COPPER (II) ION' 'Cu 2'
GOL non-polymer GLYCEROL 'C3 H8 O3'
MAN D-saccharide, alpha linking alpha-D-mannopyranose 'C6 H12 O6'
#
# COMPACT_ATOMS: atom_id res chain seq x y z
N HIS A 1 -8.45 2.31 0.15
CA HIS A 1 -9.46 3.18 -0.53
C HIS A 1 -10.87 2.90 -0.09
N TYR A 2 -11.35 3.72 0.84
CA TYR A 2 -12.68 3.57 1.45
C TYR A 2 -13.17 4.89 2.02
N THR A 3 -14.49 4.98 2.16
CA THR A 3 -15.14 6.13 2.76
C THR A 3 -15.92 5.71 3.99
N PHE A 4 -16.35 6.70 4.78
CA PHE A 4 -17.15 6.45 5.98
C PHE A 4 -18.51 7.13 5.84
N PRO A 5 -19.39 6.59 4.95
CA PRO A 5 -20.62 7.31 4.63
C PRO A 5 -21.73 7.21 5.69
N ASP A 6 -21.67 6.18 6.53
CA ASP A 6 -22.78 5.87 7.43
C ASP A 6 -22.47 6.11 8.88
N PHE A 7 -23.29 6.96 9.51
CA PHE A 7 -23.22 7.16 10.95
C PHE A 7 -23.99 6.04 11.62
N ILE A 8 -23.42 5.46 12.67
CA ILE A 8 -24.11 4.42 13.44
C ILE A 8 -24.68 5.11 14.67
N GLU A 9 -26.01 5.16 14.75
CA GLU A 9 -26.68 5.94 15.81
C GLU A 9 -26.71 5.19 17.15
N PRO A 10 -27.08 5.88 18.24
CA PRO A 10 -26.96 5.27 19.57
C PRO A 10 -27.60 3.88 19.73
N SER A 11 -28.72 3.62 19.07
CA SER A 11 -29.38 2.32 19.19
C SER A 11 -28.89 1.24 18.21
N GLY A 12 -27.82 1.55 17.48
CA GLY A 12 -27.14 0.53 16.66
C GLY A 12 -27.50 0.50 15.18
N THR A 13 -28.42 1.36 14.77
CA THR A 13 -28.82 1.44 13.38
C THR A 13 -27.77 2.17 12.54
N VAL A 14 -27.38 1.54 11.44
CA VAL A 14 -26.50 2.16 10.44
C VAL A 14 -27.36 3.08 9.58
N THR A 15 -27.15 4.39 9.72
CA THR A 15 -27.96 5.37 9.00
C THR A 15 -27.54 5.45 7.53
N GLY A 16 -28.32 6.19 6.73
CA GLY A 16 -28.08 6.28 5.28
C GLY A 16 -26.82 7.02 4.89
N ASP A 17 -26.32 6.72 3.68
CA ASP A 17 -25.10 7.32 3.11
C ASP A 17 -25.19 8.84 3.11
N TRP A 18 -24.28 9.46 3.86
CA TRP A 18 -24.14 10.93 3.91
C TRP A 18 -25.31 11.67 4.50
N VAL A 19 -26.12 10.97 5.29
CA VAL A 19 -27.23 11.61 5.98
C VAL A 19 -26.72 12.48 7.13
N TYR A 20 -25.92 11.89 8.01
CA TYR A 20 -25.35 12.60 9.14
C TYR A 20 -23.84 12.81 8.99
N VAL A 21 -23.26 12.24 7.95
CA VAL A 21 -21.82 12.41 7.67
C VAL A 21 -21.68 13.33 6.46
N ARG A 22 -20.77 14.31 6.55
CA ARG A 22 -20.53 15.22 5.43
C ARG A 22 -19.91 14.48 4.24
N GLU A 23 -20.66 14.41 3.14
CA GLU A 23 -20.20 13.70 1.95
C GLU A 23 -18.82 14.18 1.56
N THR A 24 -17.90 13.23 1.38
CA THR A 24 -16.51 13.55 1.11
C THR A 24 -16.20 13.60 -0.39
N GLN A 25 -15.04 14.18 -0.73
CA GLN A 25 -14.62 14.39 -2.12
C GLN A 25 -14.42 13.09 -2.85
N ASN A 26 -13.98 12.08 -2.10
CA ASN A 26 -13.67 10.78 -2.65
C ASN A 26 -14.89 9.84 -2.66
N HIS A 27 -16.09 10.43 -2.68
CA HIS A 27 -17.33 9.66 -2.63
C HIS A 27 -17.44 8.57 -3.67
N TYR A 28 -16.71 8.74 -4.79
CA TYR A 28 -16.67 7.77 -5.88
C TYR A 28 -15.30 7.07 -6.01
N SER A 29 -14.22 7.86 -5.99
CA SER A 29 -12.86 7.33 -6.15
C SER A 29 -12.35 6.60 -4.90
N ASN A 30 -12.87 6.99 -3.73
CA ASN A 30 -12.42 6.47 -2.44
C ASN A 30 -10.95 6.81 -2.12
N GLY A 31 -10.37 7.71 -2.90
CA GLY A 31 -8.98 8.12 -2.71
C GLY A 31 -8.72 8.91 -1.43
N PRO A 32 -7.48 8.87 -0.91
CA PRO A 32 -7.19 9.54 0.34
C PRO A 32 -6.80 11.01 0.23
N VAL A 33 -6.96 11.76 1.32
CA VAL A 33 -6.24 13.01 1.47
C VAL A 33 -4.81 12.66 1.93
N THR A 34 -3.80 13.33 1.38
CA THR A 34 -2.41 13.03 1.73
C THR A 34 -1.63 14.27 2.20
N ASP A 35 -2.24 15.44 2.11
CA ASP A 35 -1.58 16.67 2.54
C ASP A 35 -2.18 17.12 3.86
N VAL A 36 -1.45 16.90 4.95
CA VAL A 36 -1.97 17.18 6.29
C VAL A 36 -2.09 18.67 6.60
N THR A 37 -1.51 19.51 5.75
CA THR A 37 -1.54 20.96 5.97
C THR A 37 -2.72 21.62 5.24
N SER A 38 -3.41 20.84 4.42
CA SER A 38 -4.49 21.37 3.57
CA SER A 38 -4.48 21.38 3.58
C SER A 38 -5.77 21.59 4.38
N PRO A 39 -6.49 22.70 4.10
CA PRO A 39 -7.78 22.92 4.75
C PRO A 39 -8.73 21.74 4.64
N GLU A 40 -8.74 21.06 3.50
CA GLU A 40 -9.64 19.91 3.30
C GLU A 40 -9.30 18.69 4.15
N PHE A 41 -8.14 18.72 4.82
CA PHE A 41 -7.79 17.70 5.81
C PHE A 41 -8.79 17.67 6.98
N ARG A 42 -9.49 18.78 7.20
CA ARG A 42 -10.47 18.92 8.27
C ARG A 42 -11.61 17.90 8.09
N CYS A 43 -12.44 18.06 7.06
CA CYS A 43 -13.56 17.13 6.82
C CYS A 43 -13.64 16.56 5.40
N TYR A 44 -12.72 16.98 4.54
CA TYR A 44 -12.58 16.42 3.18
C TYR A 44 -13.88 16.40 2.36
N GLU A 45 -14.71 17.43 2.52
CA GLU A 45 -16.04 17.45 1.91
C GLU A 45 -16.02 17.55 0.41
N LEU A 46 -17.08 17.02 -0.21
CA LEU A 46 -17.33 17.22 -1.63
C LEU A 46 -17.28 18.72 -1.96
N ASP A 47 -17.93 19.54 -1.14
CA ASP A 47 -17.83 20.98 -1.29
C ASP A 47 -17.60 21.57 0.08
N LEU A 48 -16.37 22.01 0.35
CA LEU A 48 -16.04 22.52 1.70
C LEU A 48 -17.01 23.59 2.20
N GLN A 49 -17.59 24.35 1.28
CA GLN A 49 -18.48 25.45 1.68
C GLN A 49 -19.97 25.08 1.67
N ASN A 50 -20.34 24.10 0.86
CA ASN A 50 -21.75 23.75 0.68
C ASN A 50 -22.22 22.45 1.34
N THR A 51 -21.29 21.53 1.62
CA THR A 51 -21.68 20.18 2.07
C THR A 51 -22.32 20.15 3.47
N ALA A 52 -21.75 20.90 4.40
CA ALA A 52 -22.29 20.97 5.77
C ALA A 52 -23.78 21.32 5.76
N GLY A 53 -24.15 22.32 4.98
CA GLY A 53 -25.54 22.75 4.90
C GLY A 53 -26.49 21.74 4.28
N GLN A 54 -25.93 20.72 3.62
CA GLN A 54 -26.76 19.67 2.99
C GLN A 54 -26.77 18.40 3.83
N THR A 55 -26.12 18.46 4.98
CA THR A 55 -25.96 17.32 5.87
C THR A 55 -26.84 17.51 7.10
N GLN A 56 -27.53 16.45 7.52
CA GLN A 56 -28.35 16.52 8.74
C GLN A 56 -27.50 16.36 10.01
N THR A 57 -28.10 16.70 11.15
CA THR A 57 -27.42 16.62 12.44
C THR A 57 -28.11 15.57 13.32
N ALA A 58 -27.32 14.66 13.90
CA ALA A 58 -27.87 13.59 14.70
C ALA A 58 -27.86 13.95 16.18
N THR A 59 -29.00 13.74 16.83
CA THR A 59 -29.10 13.98 18.26
C THR A 59 -28.66 12.73 19.04
N VAL A 60 -27.74 12.94 19.96
CA VAL A 60 -27.22 11.88 20.83
C VAL A 60 -27.11 12.40 22.26
N SER A 61 -26.90 11.49 23.20
CA SER A 61 -26.60 11.85 24.59
C SER A 61 -25.14 11.61 24.89
N ALA A 62 -24.55 12.48 25.71
CA ALA A 62 -23.21 12.25 26.24
C ALA A 62 -23.20 10.91 26.94
N GLY A 63 -22.21 10.09 26.62
CA GLY A 63 -22.13 8.74 27.16
C GLY A 63 -22.57 7.66 26.20
N ASP A 64 -23.28 8.05 25.13
CA ASP A 64 -23.75 7.09 24.13
C ASP A 64 -22.58 6.48 23.38
N THR A 65 -22.73 5.21 23.02
CA THR A 65 -21.85 4.60 22.03
C THR A 65 -22.44 4.88 20.65
N VAL A 66 -21.60 5.31 19.73
CA VAL A 66 -22.00 5.55 18.35
C VAL A 66 -20.86 5.05 17.47
N GLY A 67 -21.00 5.19 16.16
CA GLY A 67 -19.91 4.81 15.28
C GLY A 67 -20.03 5.22 13.85
N PHE A 68 -19.14 4.67 13.03
CA PHE A 68 -19.20 4.82 11.59
C PHE A 68 -19.14 3.44 10.96
N LYS A 69 -19.77 3.29 9.80
CA LYS A 69 -19.53 2.13 8.96
C LYS A 69 -18.85 2.56 7.66
N ALA A 70 -17.71 1.93 7.36
CA ALA A 70 -17.01 2.15 6.10
C ALA A 70 -17.73 1.43 4.96
N ASN A 71 -17.49 1.89 3.73
CA ASN A 71 -18.11 1.29 2.55
C ASN A 71 -17.51 -0.08 2.19
N SER A 72 -16.38 -0.42 2.81
CA SER A 72 -15.80 -1.76 2.75
C SER A 72 -15.03 -2.03 4.02
N ALA A 73 -14.41 -3.20 4.09
CA ALA A 73 -13.42 -3.49 5.12
C ALA A 73 -12.35 -2.40 5.08
N ILE A 74 -11.91 -1.96 6.26
CA ILE A 74 -10.85 -0.96 6.38
C ILE A 74 -9.56 -1.73 6.19
N TYR A 75 -9.21 -1.94 4.92
CA TYR A 75 -8.25 -2.98 4.54
C TYR A 75 -6.76 -2.59 4.51
N HIS A 76 -6.45 -1.31 4.70
CA HIS A 76 -5.05 -0.92 4.83
C HIS A 76 -4.65 -1.00 6.28
N PRO A 77 -3.40 -1.42 6.55
CA PRO A 77 -2.85 -1.35 7.90
C PRO A 77 -2.69 0.09 8.35
N GLY A 78 -3.07 0.39 9.58
CA GLY A 78 -2.87 1.75 10.07
C GLY A 78 -3.28 2.01 11.50
N TYR A 79 -3.36 3.30 11.80
CA TYR A 79 -3.82 3.84 13.06
C TYR A 79 -5.19 4.45 12.85
N LEU A 80 -6.10 4.22 13.77
CA LEU A 80 -7.39 4.85 13.69
C LEU A 80 -7.63 5.74 14.91
N ASP A 81 -8.21 6.92 14.68
CA ASP A 81 -8.64 7.76 15.77
C ASP A 81 -9.97 8.45 15.47
N VAL A 82 -10.64 8.86 16.54
CA VAL A 82 -11.83 9.67 16.45
C VAL A 82 -11.60 10.91 17.30
N MET A 83 -11.81 12.06 16.67
CA MET A 83 -11.66 13.34 17.34
C MET A 83 -12.99 14.08 17.29
N MET A 84 -13.18 15.00 18.22
CA MET A 84 -14.39 15.81 18.27
C MET A 84 -14.04 17.28 18.41
N SER A 85 -14.93 18.14 17.93
CA SER A 85 -14.83 19.59 18.14
C SER A 85 -16.20 20.18 18.40
N PRO A 86 -16.28 21.13 19.36
CA PRO A 86 -17.48 21.95 19.42
C PRO A 86 -17.68 22.58 18.04
N ALA A 87 -18.94 22.67 17.62
CA ALA A 87 -19.30 23.19 16.30
C ALA A 87 -20.01 24.54 16.46
N SER A 88 -19.30 25.60 16.07
CA SER A 88 -19.76 26.98 16.18
CA SER A 88 -19.82 26.96 16.15
C SER A 88 -19.80 27.62 14.79
N PRO A 89 -20.95 28.20 14.38
CA PRO A 89 -22.23 28.37 15.08
C PRO A 89 -23.10 27.14 15.26
N ALA A 90 -22.87 26.09 14.47
CA ALA A 90 -23.63 24.85 14.58
C ALA A 90 -22.90 23.71 13.86
N ALA A 91 -23.38 22.48 14.04
CA ALA A 91 -22.78 21.30 13.42
C ALA A 91 -22.85 21.32 11.89
N ASN A 92 -23.86 22.00 11.35
CA ASN A 92 -24.06 22.10 9.90
C ASN A 92 -23.48 23.39 9.28
N SER A 93 -22.56 24.02 10.01
CA SER A 93 -21.84 25.19 9.51
CA SER A 93 -21.84 25.20 9.53
C SER A 93 -20.46 24.81 9.00
N PRO A 94 -20.09 25.32 7.81
CA PRO A 94 -18.74 25.01 7.30
C PRO A 94 -17.61 25.66 8.10
N GLU A 95 -17.92 26.65 8.94
CA GLU A 95 -16.86 27.24 9.73
CA GLU A 95 -16.96 27.32 9.81
C GLU A 95 -16.57 26.48 11.03
N ALA A 96 -17.36 25.46 11.34
CA ALA A 96 -17.14 24.62 12.52
C ALA A 96 -15.77 23.93 12.47
N GLY A 97 -15.09 23.88 13.61
CA GLY A 97 -13.82 23.16 13.71
C GLY A 97 -12.64 23.82 13.02
N THR A 98 -12.74 25.12 12.76
CA THR A 98 -11.62 25.88 12.16
C THR A 98 -10.62 26.46 13.16
N GLY A 99 -10.92 26.32 14.46
CA GLY A 99 -10.00 26.78 15.50
C GLY A 99 -9.33 25.64 16.26
N GLN A 100 -8.65 25.98 17.35
CA GLN A 100 -7.95 24.97 18.14
C GLN A 100 -8.87 24.36 19.20
N THR A 101 -9.79 23.53 18.73
CA THR A 101 -10.90 23.05 19.56
C THR A 101 -11.10 21.52 19.47
N TRP A 102 -10.22 20.86 18.71
CA TRP A 102 -10.33 19.42 18.48
C TRP A 102 -9.66 18.64 19.56
N PHE A 103 -10.34 17.59 20.03
CA PHE A 103 -9.77 16.69 21.02
C PHE A 103 -10.06 15.24 20.62
N LYS A 104 -9.25 14.32 21.11
CA LYS A 104 -9.36 12.91 20.74
C LYS A 104 -10.19 12.17 21.78
N ILE A 105 -11.15 11.35 21.33
CA ILE A 105 -11.98 10.55 22.24
C ILE A 105 -11.74 9.05 22.12
N TYR A 106 -11.05 8.62 21.06
CA TYR A 106 -10.88 7.20 20.79
C TYR A 106 -9.73 6.97 19.86
N GLU A 107 -9.05 5.83 20.05
CA GLU A 107 -8.03 5.38 19.11
C GLU A 107 -7.94 3.86 19.06
N GLU A 108 -7.46 3.35 17.94
CA GLU A 108 -7.10 1.95 17.82
C GLU A 108 -5.67 1.91 17.27
N LYS A 109 -4.74 1.48 18.12
CA LYS A 109 -3.34 1.40 17.75
C LYS A 109 -2.98 -0.01 17.33
N PRO A 110 -2.07 -0.15 16.35
CA PRO A 110 -1.53 -1.48 16.09
C PRO A 110 -0.79 -2.00 17.33
N GLN A 111 -0.81 -3.31 17.53
CA GLN A 111 -0.05 -3.94 18.60
C GLN A 111 1.41 -4.03 18.17
N PHE A 112 2.30 -4.33 19.12
CA PHE A 112 3.72 -4.51 18.79
C PHE A 112 4.24 -5.82 19.38
N GLU A 113 4.59 -6.75 18.48
CA GLU A 113 5.02 -8.10 18.87
C GLU A 113 6.17 -8.58 18.01
N ASN A 114 7.22 -9.09 18.66
CA ASN A 114 8.37 -9.70 17.99
C ASN A 114 9.05 -8.77 16.99
N GLY A 115 9.15 -7.49 17.35
CA GLY A 115 9.77 -6.49 16.48
C GLY A 115 8.94 -6.17 15.25
N GLN A 116 7.69 -6.60 15.26
CA GLN A 116 6.76 -6.28 14.16
C GLN A 116 5.46 -5.69 14.71
N LEU A 117 4.86 -4.79 13.92
CA LEU A 117 3.55 -4.26 14.26
C LEU A 117 2.45 -5.23 13.84
N VAL A 118 1.37 -5.27 14.62
CA VAL A 118 0.23 -6.15 14.37
C VAL A 118 -1.03 -5.34 14.09
N PHE A 119 -1.60 -5.54 12.89
CA PHE A 119 -2.73 -4.73 12.42
C PHE A 119 -4.00 -5.57 12.28
N ASP A 120 -5.14 -4.90 12.36
CA ASP A 120 -6.42 -5.52 12.00
C ASP A 120 -6.94 -4.83 10.73
N THR A 121 -7.01 -5.59 9.64
CA THR A 121 -7.43 -5.05 8.35
C THR A 121 -8.81 -5.58 7.90
N THR A 122 -9.59 -6.09 8.83
CA THR A 122 -10.86 -6.75 8.49
C THR A 122 -12.10 -6.07 9.10
N GLN A 123 -11.88 -5.00 9.85
CA GLN A 123 -12.97 -4.23 10.48
C GLN A 123 -13.67 -3.35 9.45
N GLN A 124 -14.99 -3.23 9.55
CA GLN A 124 -15.79 -2.34 8.71
C GLN A 124 -16.58 -1.34 9.57
N GLU A 125 -17.03 -1.80 10.74
CA GLU A 125 -17.75 -0.91 11.65
C GLU A 125 -16.82 -0.49 12.77
N VAL A 126 -16.76 0.82 13.02
CA VAL A 126 -15.96 1.36 14.10
C VAL A 126 -16.89 2.05 15.10
N THR A 127 -16.90 1.56 16.33
CA THR A 127 -17.78 2.12 17.37
C THR A 127 -17.00 2.52 18.62
N PHE A 128 -17.56 3.43 19.40
CA PHE A 128 -16.85 4.07 20.50
C PHE A 128 -17.85 4.90 21.29
N THR A 129 -17.37 5.41 22.42
CA THR A 129 -18.21 6.13 23.38
C THR A 129 -18.01 7.64 23.30
N ILE A 130 -19.11 8.37 23.19
CA ILE A 130 -19.09 9.82 23.38
CA ILE A 130 -19.08 9.81 23.38
C ILE A 130 -18.96 10.02 24.88
N PRO A 131 -17.86 10.68 25.33
CA PRO A 131 -17.61 10.77 26.78
C PRO A 131 -18.81 11.30 27.58
N LYS A 132 -19.05 10.65 28.73
CA LYS A 132 -20.16 11.02 29.62
C LYS A 132 -20.13 12.50 30.03
N SER A 133 -18.96 13.01 30.38
CA SER A 133 -18.82 14.38 30.89
C SER A 133 -18.84 15.48 29.83
N LEU A 134 -18.86 15.09 28.54
CA LEU A 134 -18.90 16.07 27.45
C LEU A 134 -20.09 17.01 27.62
N PRO A 135 -19.84 18.34 27.62
CA PRO A 135 -20.97 19.30 27.74
C PRO A 135 -21.94 19.25 26.56
N SER A 136 -23.22 19.49 26.85
CA SER A 136 -24.25 19.59 25.82
C SER A 136 -23.88 20.68 24.82
N GLY A 137 -24.26 20.46 23.57
CA GLY A 137 -23.92 21.40 22.50
C GLY A 137 -23.73 20.71 21.16
N GLN A 138 -23.43 21.51 20.14
CA GLN A 138 -23.23 20.99 18.79
C GLN A 138 -21.77 20.61 18.62
N TYR A 139 -21.54 19.48 17.96
CA TYR A 139 -20.20 18.95 17.77
C TYR A 139 -20.00 18.36 16.37
N LEU A 140 -18.76 18.42 15.90
CA LEU A 140 -18.29 17.59 14.80
C LEU A 140 -17.59 16.38 15.37
N LEU A 141 -17.81 15.23 14.73
CA LEU A 141 -17.19 13.97 15.12
C LEU A 141 -16.42 13.47 13.92
N ARG A 142 -15.09 13.45 14.02
CA ARG A 142 -14.23 13.15 12.86
C ARG A 142 -13.55 11.80 13.05
N ILE A 143 -13.88 10.84 12.18
CA ILE A 143 -13.14 9.60 12.13
C ILE A 143 -12.00 9.72 11.14
N GLU A 144 -10.86 9.16 11.51
CA GLU A 144 -9.68 9.19 10.70
C GLU A 144 -8.95 7.87 10.79
N GLN A 145 -8.69 7.26 9.63
CA GLN A 145 -7.70 6.20 9.58
C GLN A 145 -6.46 6.67 8.83
N ILE A 146 -5.33 6.53 9.50
CA ILE A 146 -4.06 6.80 8.86
C ILE A 146 -3.53 5.46 8.35
N ALA A 147 -3.60 5.27 7.04
CA ALA A 147 -3.12 4.03 6.42
C ALA A 147 -1.63 4.17 6.19
N LEU A 148 -0.88 3.17 6.62
CA LEU A 148 0.59 3.26 6.73
C LEU A 148 1.33 2.28 5.80
N HIS A 149 0.59 1.64 4.92
CA HIS A 149 1.16 0.62 4.02
C HIS A 149 2.20 1.13 3.06
N VAL A 150 2.22 2.44 2.80
CA VAL A 150 3.25 3.06 1.96
C VAL A 150 3.79 4.35 2.58
N ALA A 151 3.95 4.33 3.91
CA ALA A 151 4.21 5.54 4.68
C ALA A 151 5.69 5.82 4.96
N SER A 152 6.58 5.06 4.32
CA SER A 152 8.03 5.22 4.53
C SER A 152 8.61 6.51 3.95
N SER A 153 7.89 7.13 3.01
CA SER A 153 8.29 8.41 2.43
C SER A 153 7.33 9.52 2.86
N TYR A 154 7.84 10.75 2.90
CA TYR A 154 7.02 11.91 3.25
C TYR A 154 5.82 12.06 2.29
N GLY A 155 4.63 12.24 2.86
CA GLY A 155 3.41 12.38 2.08
C GLY A 155 2.89 11.03 1.60
N GLY A 156 3.44 9.96 2.17
CA GLY A 156 3.10 8.59 1.79
C GLY A 156 1.92 8.05 2.58
N ALA A 157 1.80 8.46 3.85
CA ALA A 157 0.63 8.14 4.67
C ALA A 157 -0.65 8.58 3.95
N GLN A 158 -1.70 7.78 4.08
CA GLN A 158 -2.96 8.06 3.41
C GLN A 158 -4.04 8.19 4.47
N PHE A 159 -4.84 9.25 4.37
CA PHE A 159 -5.80 9.56 5.42
C PHE A 159 -7.21 9.40 4.89
N TYR A 160 -7.98 8.54 5.55
CA TYR A 160 -9.38 8.28 5.21
C TYR A 160 -10.23 8.85 6.32
N ILE A 161 -11.10 9.81 5.97
CA ILE A 161 -11.74 10.72 6.92
CA ILE A 161 -11.79 10.55 7.00
C ILE A 161 -13.25 10.80 6.68
N GLY A 162 -14.01 11.07 7.76
CA GLY A 162 -15.43 11.41 7.67
C GLY A 162 -15.79 12.23 8.90
N CYS A 163 -16.63 13.24 8.70
CA CYS A 163 -17.13 14.09 9.78
C CYS A 163 -18.63 13.96 9.91
N ALA A 164 -19.07 13.47 11.05
CA ALA A 164 -20.50 13.44 11.36
C ALA A 164 -20.88 14.68 12.15
N GLN A 165 -22.13 15.09 12.01
CA GLN A 165 -22.65 16.28 12.67
C GLN A 165 -23.54 15.86 13.82
N LEU A 166 -23.20 16.32 15.03
CA LEU A 166 -23.90 15.89 16.25
C LEU A 166 -24.53 17.04 17.04
N ASN A 167 -25.68 16.72 17.62
CA ASN A 167 -26.30 17.53 18.66
C ASN A 167 -26.26 16.67 19.92
N VAL A 168 -25.40 17.03 20.84
CA VAL A 168 -25.16 16.26 22.05
C VAL A 168 -26.03 16.81 23.20
N GLU A 169 -26.91 15.96 23.73
CA GLU A 169 -27.78 16.34 24.84
C GLU A 169 -27.34 15.64 26.12
N ASN A 170 -27.92 16.05 27.24
CA ASN A 170 -27.67 15.44 28.55
C ASN A 170 -26.18 15.37 28.91
N GLY A 171 -25.46 16.44 28.64
CA GLY A 171 -24.01 16.50 28.89
C GLY A 171 -23.60 16.83 30.32
N GLY A 172 -22.29 16.83 30.55
CA GLY A 172 -21.73 17.16 31.86
C GLY A 172 -20.96 18.46 31.87
N ASN A 173 -19.94 18.54 32.73
CA ASN A 173 -19.14 19.75 32.86
CA ASN A 173 -19.13 19.76 32.87
C ASN A 173 -17.65 19.51 32.61
N GLY A 174 -17.35 18.47 31.83
CA GLY A 174 -15.97 18.17 31.46
C GLY A 174 -15.33 19.26 30.62
N THR A 175 -14.00 19.36 30.73
CA THR A 175 -13.23 20.28 29.89
CA THR A 175 -13.22 20.29 29.91
C THR A 175 -12.28 19.49 28.99
N PRO A 176 -12.72 19.22 27.74
CA PRO A 176 -11.88 18.39 26.87
C PRO A 176 -10.49 18.97 26.60
N GLY A 177 -9.51 18.08 26.51
CA GLY A 177 -8.12 18.46 26.24
C GLY A 177 -7.24 17.22 26.20
N PRO A 178 -6.04 17.32 25.61
CA PRO A 178 -5.45 18.52 24.99
C PRO A 178 -6.12 18.88 23.66
N LEU A 179 -6.03 20.15 23.28
CA LEU A 179 -6.74 20.65 22.10
C LEU A 179 -5.79 20.97 20.95
N VAL A 180 -6.25 20.68 19.73
CA VAL A 180 -5.45 20.90 18.54
C VAL A 180 -6.30 21.49 17.41
N SER A 181 -5.63 21.98 16.37
CA SER A 181 -6.32 22.43 15.14
C SER A 181 -6.20 21.38 14.06
N ILE A 182 -7.17 21.37 13.14
CA ILE A 182 -7.08 20.52 11.95
C ILE A 182 -7.48 21.35 10.73
N PRO A 183 -6.53 21.56 9.80
CA PRO A 183 -5.13 21.12 9.86
C PRO A 183 -4.34 21.82 10.98
N GLY A 184 -3.17 21.26 11.31
CA GLY A 184 -2.31 21.73 12.40
C GLY A 184 -1.85 20.60 13.29
N VAL A 185 -2.73 19.63 13.52
CA VAL A 185 -2.43 18.50 14.41
C VAL A 185 -1.19 17.69 13.99
N TYR A 186 -0.98 17.52 12.68
CA TYR A 186 0.20 16.82 12.18
C TYR A 186 1.08 17.68 11.28
N THR A 187 2.38 17.36 11.28
CA THR A 187 3.33 17.97 10.36
C THR A 187 3.60 17.02 9.19
N GLY A 188 3.42 15.73 9.42
CA GLY A 188 3.79 14.71 8.44
C GLY A 188 5.10 14.02 8.78
N TYR A 189 5.85 14.58 9.72
CA TYR A 189 7.14 14.03 10.13
C TYR A 189 7.07 13.16 11.38
N GLU A 190 5.87 13.03 11.96
CA GLU A 190 5.65 12.25 13.18
C GLU A 190 6.11 10.82 13.01
N PRO A 191 6.65 10.21 14.07
CA PRO A 191 7.17 8.84 13.96
C PRO A 191 6.09 7.78 13.67
N GLY A 192 4.82 8.13 13.88
CA GLY A 192 3.70 7.23 13.58
C GLY A 192 3.06 7.49 12.22
N ILE A 193 3.57 8.48 11.50
CA ILE A 193 3.02 8.85 10.19
C ILE A 193 4.05 8.66 9.09
N LEU A 194 5.27 9.13 9.34
CA LEU A 194 6.40 8.84 8.47
C LEU A 194 7.13 7.66 9.09
N ILE A 195 6.86 6.48 8.55
CA ILE A 195 7.19 5.24 9.23
C ILE A 195 7.25 4.11 8.21
N ASN A 196 8.27 3.28 8.35
CA ASN A 196 8.36 2.04 7.60
C ASN A 196 7.89 0.91 8.48
N ILE A 197 6.66 0.47 8.26
CA ILE A 197 6.03 -0.55 9.12
C ILE A 197 6.61 -1.94 8.87
N TYR A 198 7.29 -2.13 7.74
CA TYR A 198 7.82 -3.44 7.37
C TYR A 198 9.19 -3.71 7.96
N ASN A 199 10.03 -2.68 7.99
CA ASN A 199 11.34 -2.75 8.59
C ASN A 199 11.50 -1.58 9.57
N LEU A 200 11.13 -1.82 10.83
CA LEU A 200 11.07 -0.79 11.85
C LEU A 200 12.44 -0.35 12.36
N PRO A 201 12.55 0.90 12.86
CA PRO A 201 13.79 1.42 13.47
C PRO A 201 14.29 0.56 14.62
N LYS A 202 15.57 0.71 14.95
CA LYS A 202 16.26 -0.14 15.93
C LYS A 202 15.68 -0.05 17.35
N ASN A 203 15.45 1.18 17.82
CA ASN A 203 14.96 1.38 19.18
C ASN A 203 13.43 1.46 19.28
N PHE A 204 12.74 0.97 18.24
CA PHE A 204 11.28 0.95 18.21
C PHE A 204 10.73 0.05 19.30
N THR A 205 9.92 0.62 20.19
CA THR A 205 9.38 -0.09 21.35
C THR A 205 7.85 -0.18 21.30
N GLY A 206 7.24 0.43 20.30
CA GLY A 206 5.79 0.39 20.14
C GLY A 206 5.33 1.52 19.23
N TYR A 207 4.11 1.41 18.72
CA TYR A 207 3.59 2.43 17.82
C TYR A 207 3.37 3.76 18.56
N PRO A 208 4.04 4.85 18.12
CA PRO A 208 3.78 6.14 18.77
C PRO A 208 2.57 6.84 18.14
N ALA A 209 1.44 6.84 18.85
CA ALA A 209 0.22 7.46 18.30
C ALA A 209 0.44 8.96 18.11
N PRO A 210 0.17 9.46 16.89
CA PRO A 210 0.35 10.90 16.61
C PRO A 210 -0.84 11.72 17.11
N GLY A 211 -0.65 13.04 17.23
CA GLY A 211 -1.69 13.95 17.73
C GLY A 211 -1.93 13.85 19.23
N PRO A 212 -3.03 14.46 19.72
CA PRO A 212 -3.30 14.53 21.18
C PRO A 212 -3.64 13.18 21.78
N ALA A 213 -3.32 12.98 23.05
CA ALA A 213 -3.83 11.84 23.80
C ALA A 213 -5.36 11.85 23.86
N VAL A 214 -5.94 10.66 24.04
CA VAL A 214 -7.37 10.48 24.24
C VAL A 214 -7.81 11.19 25.52
N TRP A 215 -8.75 12.12 25.39
CA TRP A 215 -9.29 12.84 26.54
C TRP A 215 -10.11 11.88 27.36
N GLN A 216 -9.75 11.74 28.64
CA GLN A 216 -10.47 10.84 29.53
C GLN A 216 -11.69 11.52 30.14
N GLY A 217 -12.82 11.41 29.46
CA GLY A 217 -14.02 12.15 29.85
C GLY A 217 -15.19 11.26 30.23
N HIS B 1 5.87 1.48 -6.46
CA HIS B 1 6.02 2.09 -7.83
C HIS B 1 7.48 2.33 -8.14
N TYR B 2 8.07 1.42 -8.89
CA TYR B 2 9.47 1.53 -9.30
C TYR B 2 9.72 0.76 -10.59
N THR B 3 10.79 1.13 -11.27
CA THR B 3 11.21 0.40 -12.46
C THR B 3 12.59 -0.19 -12.26
N PHE B 4 12.99 -1.07 -13.20
CA PHE B 4 14.28 -1.72 -13.18
C PHE B 4 15.08 -1.33 -14.43
N PRO B 5 15.50 -0.06 -14.55
CA PRO B 5 16.06 0.39 -15.83
C PRO B 5 17.50 -0.04 -16.09
N ASP B 6 18.23 -0.37 -15.03
CA ASP B 6 19.67 -0.56 -15.13
C ASP B 6 20.11 -2.00 -14.93
N PHE B 7 20.74 -2.56 -15.96
CA PHE B 7 21.36 -3.87 -15.84
C PHE B 7 22.70 -3.70 -15.13
N ILE B 8 22.97 -4.57 -14.16
CA ILE B 8 24.29 -4.61 -13.49
C ILE B 8 25.11 -5.72 -14.14
N GLU B 9 26.17 -5.32 -14.84
CA GLU B 9 26.99 -6.25 -15.61
C GLU B 9 28.01 -6.99 -14.72
N PRO B 10 28.61 -8.08 -15.24
CA PRO B 10 29.49 -8.98 -14.47
C PRO B 10 30.56 -8.28 -13.64
N SER B 11 31.13 -7.19 -14.15
CA SER B 11 32.20 -6.48 -13.43
C SER B 11 31.68 -5.52 -12.37
N GLY B 12 30.36 -5.36 -12.27
CA GLY B 12 29.76 -4.49 -11.26
C GLY B 12 29.33 -3.11 -11.73
N THR B 13 29.53 -2.79 -13.00
CA THR B 13 29.06 -1.51 -13.55
C THR B 13 27.53 -1.55 -13.65
N VAL B 14 26.88 -0.53 -13.08
CA VAL B 14 25.46 -0.30 -13.28
C VAL B 14 25.33 0.41 -14.62
N THR B 15 24.72 -0.27 -15.60
CA THR B 15 24.63 0.29 -16.95
C THR B 15 23.50 1.32 -17.08
N GLY B 16 23.51 2.07 -18.18
CA GLY B 16 22.57 3.18 -18.38
C GLY B 16 21.12 2.74 -18.49
N ASP B 17 20.21 3.69 -18.29
CA ASP B 17 18.77 3.42 -18.32
C ASP B 17 18.36 2.80 -19.66
N TRP B 18 17.75 1.63 -19.57
CA TRP B 18 17.16 0.95 -20.75
C TRP B 18 18.12 0.55 -21.83
N VAL B 19 19.40 0.44 -21.48
CA VAL B 19 20.42 0.03 -22.46
C VAL B 19 20.34 -1.46 -22.79
N TYR B 20 20.36 -2.30 -21.75
CA TYR B 20 20.22 -3.75 -21.89
C TYR B 20 18.90 -4.26 -21.35
N VAL B 21 18.16 -3.37 -20.71
CA VAL B 21 16.82 -3.67 -20.20
C VAL B 21 15.79 -3.05 -21.14
N ARG B 22 14.83 -3.86 -21.59
CA ARG B 22 13.76 -3.36 -22.44
C ARG B 22 12.92 -2.30 -21.70
N GLU B 23 12.94 -1.07 -22.21
CA GLU B 23 12.19 0.03 -21.60
C GLU B 23 10.71 -0.33 -21.41
N THR B 24 10.22 -0.16 -20.18
CA THR B 24 8.87 -0.55 -19.82
C THR B 24 7.86 0.58 -19.98
N GLN B 25 6.58 0.22 -20.04
CA GLN B 25 5.48 1.16 -20.22
C GLN B 25 5.38 2.19 -19.09
N ASN B 26 5.78 1.76 -17.90
CA ASN B 26 5.73 2.63 -16.73
C ASN B 26 7.02 3.45 -16.57
N HIS B 27 7.70 3.71 -17.69
CA HIS B 27 8.98 4.43 -17.65
C HIS B 27 8.89 5.79 -17.00
N TYR B 28 7.69 6.37 -16.96
CA TYR B 28 7.46 7.62 -16.24
C TYR B 28 6.52 7.44 -15.03
N SER B 29 5.44 6.67 -15.19
CA SER B 29 4.47 6.48 -14.11
C SER B 29 5.00 5.62 -12.95
N ASN B 30 5.94 4.72 -13.28
CA ASN B 30 6.40 3.67 -12.37
C ASN B 30 5.27 2.71 -11.92
N GLY B 31 4.12 2.79 -12.58
CA GLY B 31 2.94 1.98 -12.23
C GLY B 31 3.12 0.50 -12.54
N PRO B 32 2.32 -0.37 -11.90
CA PRO B 32 2.50 -1.81 -12.07
C PRO B 32 1.63 -2.49 -13.13
N VAL B 33 2.06 -3.67 -13.58
CA VAL B 33 1.16 -4.60 -14.27
C VAL B 33 0.31 -5.25 -13.20
N THR B 34 -0.97 -5.42 -13.47
CA THR B 34 -1.84 -6.09 -12.53
C THR B 34 -2.60 -7.26 -13.17
N ASP B 35 -2.54 -7.40 -14.50
CA ASP B 35 -3.19 -8.51 -15.20
C ASP B 35 -2.17 -9.57 -15.60
N VAL B 36 -2.07 -10.62 -14.77
CA VAL B 36 -1.13 -11.71 -15.04
C VAL B 36 -1.44 -12.50 -16.33
N THR B 37 -2.62 -12.31 -16.91
CA THR B 37 -2.99 -13.01 -18.14
C THR B 37 -2.66 -12.22 -19.40
N SER B 38 -2.26 -10.96 -19.25
CA SER B 38 -2.02 -10.11 -20.42
C SER B 38 -0.68 -10.45 -21.06
N PRO B 39 -0.58 -10.30 -22.40
CA PRO B 39 0.69 -10.54 -23.09
C PRO B 39 1.81 -9.65 -22.57
N GLU B 40 1.48 -8.42 -22.15
CA GLU B 40 2.51 -7.51 -21.65
C GLU B 40 3.03 -7.87 -20.26
N PHE B 41 2.45 -8.88 -19.63
CA PHE B 41 2.99 -9.42 -18.37
C PHE B 41 4.38 -10.02 -18.62
N ARG B 42 4.67 -10.34 -19.88
CA ARG B 42 5.94 -10.92 -20.30
C ARG B 42 7.11 -9.98 -19.98
N CYS B 43 7.18 -8.82 -20.67
CA CYS B 43 8.27 -7.84 -20.46
C CYS B 43 7.80 -6.38 -20.28
N TYR B 44 6.49 -6.17 -20.34
CA TYR B 44 5.88 -4.86 -20.05
C TYR B 44 6.49 -3.69 -20.84
N GLU B 45 6.88 -3.95 -22.09
CA GLU B 45 7.63 -2.95 -22.86
C GLU B 45 6.79 -1.75 -23.23
N LEU B 46 7.45 -0.61 -23.32
CA LEU B 46 6.86 0.62 -23.86
C LEU B 46 6.11 0.37 -25.18
N ASP B 47 6.72 -0.45 -26.04
CA ASP B 47 6.12 -0.91 -27.27
C ASP B 47 6.49 -2.38 -27.42
N LEU B 48 5.51 -3.27 -27.23
CA LEU B 48 5.76 -4.71 -27.30
C LEU B 48 6.46 -5.18 -28.58
N GLN B 49 6.22 -4.49 -29.69
CA GLN B 49 6.78 -4.90 -30.98
C GLN B 49 8.08 -4.17 -31.37
N ASN B 50 8.26 -2.97 -30.83
CA ASN B 50 9.40 -2.11 -31.22
C ASN B 50 10.54 -2.01 -30.20
N THR B 51 10.22 -2.18 -28.90
CA THR B 51 11.23 -1.87 -27.87
C THR B 51 12.45 -2.80 -27.90
N ALA B 52 12.21 -4.10 -28.10
CA ALA B 52 13.28 -5.10 -28.12
C ALA B 52 14.36 -4.73 -29.14
N GLY B 53 13.92 -4.28 -30.31
CA GLY B 53 14.82 -3.88 -31.39
C GLY B 53 15.63 -2.64 -31.06
N GLN B 54 15.17 -1.85 -30.08
CA GLN B 54 15.87 -0.62 -29.63
C GLN B 54 16.71 -0.87 -28.37
N THR B 55 16.84 -2.14 -27.98
CA THR B 55 17.53 -2.53 -26.75
C THR B 55 18.77 -3.34 -27.10
N GLN B 56 19.88 -3.02 -26.44
CA GLN B 56 21.14 -3.73 -26.67
C GLN B 56 21.17 -5.08 -25.93
N THR B 57 22.14 -5.92 -26.27
CA THR B 57 22.23 -7.26 -25.68
C THR B 57 23.57 -7.36 -24.96
N ALA B 58 23.54 -7.72 -23.69
CA ALA B 58 24.75 -7.81 -22.87
C ALA B 58 25.39 -9.19 -22.94
N THR B 59 26.68 -9.21 -23.24
CA THR B 59 27.44 -10.44 -23.26
C THR B 59 27.93 -10.77 -21.86
N VAL B 60 27.58 -11.96 -21.37
CA VAL B 60 27.97 -12.43 -20.04
C VAL B 60 28.43 -13.88 -20.13
N SER B 61 29.04 -14.38 -19.07
CA SER B 61 29.39 -15.80 -18.98
C SER B 61 28.54 -16.51 -17.93
N ALA B 62 28.15 -17.73 -18.22
CA ALA B 62 27.55 -18.61 -17.21
C ALA B 62 28.43 -18.59 -15.95
N GLY B 63 27.81 -18.47 -14.79
CA GLY B 63 28.55 -18.34 -13.53
C GLY B 63 28.76 -16.91 -13.06
N ASP B 64 28.56 -15.95 -13.97
CA ASP B 64 28.73 -14.53 -13.66
C ASP B 64 27.69 -14.04 -12.67
N THR B 65 28.05 -13.04 -11.88
CA THR B 65 27.10 -12.33 -11.02
C THR B 65 26.60 -11.11 -11.79
N VAL B 66 25.29 -11.04 -11.95
CA VAL B 66 24.67 -9.90 -12.62
C VAL B 66 23.45 -9.48 -11.81
N GLY B 67 22.77 -8.43 -12.26
CA GLY B 67 21.55 -8.03 -11.60
C GLY B 67 20.88 -6.82 -12.19
N PHE B 68 20.02 -6.21 -11.38
CA PHE B 68 19.27 -5.05 -11.78
C PHE B 68 19.38 -4.02 -10.65
N LYS B 69 19.39 -2.75 -11.02
CA LYS B 69 19.20 -1.70 -10.04
C LYS B 69 17.85 -1.01 -10.28
N ALA B 70 17.00 -1.04 -9.27
CA ALA B 70 15.71 -0.33 -9.32
C ALA B 70 15.93 1.16 -9.25
N ASN B 71 14.95 1.95 -9.71
CA ASN B 71 15.09 3.41 -9.72
C ASN B 71 14.88 4.09 -8.36
N SER B 72 14.48 3.30 -7.38
CA SER B 72 14.42 3.71 -5.97
C SER B 72 14.55 2.45 -5.13
N ALA B 73 14.38 2.57 -3.82
CA ALA B 73 14.27 1.41 -2.96
C ALA B 73 13.07 0.57 -3.39
N ILE B 74 13.23 -0.74 -3.36
CA ILE B 74 12.15 -1.68 -3.65
C ILE B 74 11.28 -1.77 -2.40
N TYR B 75 10.43 -0.76 -2.24
CA TYR B 75 9.83 -0.43 -0.94
C TYR B 75 8.49 -1.09 -0.60
N HIS B 76 7.84 -1.73 -1.57
CA HIS B 76 6.67 -2.54 -1.24
C HIS B 76 7.11 -3.87 -0.71
N PRO B 77 6.35 -4.41 0.27
CA PRO B 77 6.57 -5.78 0.74
C PRO B 77 6.13 -6.77 -0.33
N GLY B 78 6.96 -7.77 -0.62
CA GLY B 78 6.51 -8.81 -1.52
C GLY B 78 7.50 -9.90 -1.79
N TYR B 79 7.32 -10.54 -2.93
CA TYR B 79 8.14 -11.67 -3.33
C TYR B 79 8.88 -11.29 -4.59
N LEU B 80 10.19 -11.51 -4.63
CA LEU B 80 10.97 -11.22 -5.82
C LEU B 80 11.47 -12.52 -6.47
N ASP B 81 11.42 -12.58 -7.79
CA ASP B 81 12.01 -13.72 -8.49
C ASP B 81 12.71 -13.26 -9.76
N VAL B 82 13.66 -14.07 -10.21
CA VAL B 82 14.33 -13.82 -11.49
C VAL B 82 14.13 -15.08 -12.33
N MET B 83 13.55 -14.91 -13.52
CA MET B 83 13.37 -16.03 -14.44
C MET B 83 14.13 -15.77 -15.74
N MET B 84 14.46 -16.84 -16.45
CA MET B 84 15.18 -16.76 -17.72
C MET B 84 14.48 -17.60 -18.77
N SER B 85 14.63 -17.20 -20.03
CA SER B 85 14.18 -18.01 -21.15
C SER B 85 15.19 -17.90 -22.28
N PRO B 86 15.49 -19.02 -22.96
CA PRO B 86 16.24 -18.91 -24.20
C PRO B 86 15.47 -17.98 -25.13
N ALA B 87 16.18 -17.19 -25.91
CA ALA B 87 15.56 -16.15 -26.70
C ALA B 87 15.76 -16.45 -28.20
N SER B 88 14.70 -16.90 -28.85
CA SER B 88 14.74 -17.21 -30.28
CA SER B 88 14.74 -17.22 -30.28
C SER B 88 13.78 -16.30 -31.03
N PRO B 89 14.21 -15.74 -32.17
CA PRO B 89 15.50 -15.89 -32.87
C PRO B 89 16.69 -15.20 -32.19
N ALA B 90 16.43 -14.21 -31.34
CA ALA B 90 17.49 -13.49 -30.63
C ALA B 90 16.94 -12.85 -29.36
N ALA B 91 17.84 -12.36 -28.51
CA ALA B 91 17.46 -11.64 -27.29
C ALA B 91 16.76 -10.32 -27.60
N ASN B 92 17.06 -9.74 -28.77
CA ASN B 92 16.41 -8.51 -29.20
C ASN B 92 15.17 -8.71 -30.09
N SER B 93 14.63 -9.93 -30.07
CA SER B 93 13.40 -10.24 -30.83
CA SER B 93 13.41 -10.26 -30.83
C SER B 93 12.17 -10.17 -29.94
N PRO B 94 11.11 -9.48 -30.39
CA PRO B 94 9.89 -9.46 -29.56
C PRO B 94 9.21 -10.83 -29.41
N GLU B 95 9.56 -11.76 -30.31
CA GLU B 95 9.07 -13.13 -30.29
CA GLU B 95 9.03 -13.11 -30.27
C GLU B 95 9.70 -13.98 -29.19
N ALA B 96 10.78 -13.50 -28.59
CA ALA B 96 11.49 -14.26 -27.57
C ALA B 96 10.64 -14.49 -26.32
N GLY B 97 10.67 -15.71 -25.79
CA GLY B 97 9.99 -16.04 -24.54
C GLY B 97 8.47 -16.05 -24.65
N THR B 98 7.96 -16.27 -25.86
CA THR B 98 6.51 -16.41 -26.08
C THR B 98 6.03 -17.85 -25.87
N GLY B 99 6.97 -18.78 -25.66
CA GLY B 99 6.64 -20.20 -25.46
C GLY B 99 6.79 -20.65 -24.02
N GLN B 100 6.67 -21.96 -23.79
CA GLN B 100 6.82 -22.50 -22.43
C GLN B 100 8.28 -22.82 -22.16
N THR B 101 9.06 -21.76 -22.01
CA THR B 101 10.50 -21.86 -22.01
C THR B 101 11.15 -21.17 -20.81
N TRP B 102 10.33 -20.61 -19.93
CA TRP B 102 10.82 -19.85 -18.78
C TRP B 102 11.12 -20.72 -17.59
N PHE B 103 12.25 -20.44 -16.93
CA PHE B 103 12.62 -21.11 -15.70
C PHE B 103 13.13 -20.11 -14.65
N LYS B 104 12.99 -20.46 -13.38
CA LYS B 104 13.41 -19.59 -12.28
C LYS B 104 14.86 -19.86 -11.87
N ILE B 105 15.63 -18.80 -11.65
CA ILE B 105 17.04 -18.94 -11.26
C ILE B 105 17.35 -18.34 -9.88
N TYR B 106 16.46 -17.49 -9.39
CA TYR B 106 16.72 -16.73 -8.16
C TYR B 106 15.41 -16.25 -7.54
N GLU B 107 15.45 -16.01 -6.23
CA GLU B 107 14.31 -15.44 -5.52
C GLU B 107 14.75 -14.71 -4.26
N GLU B 108 13.91 -13.76 -3.84
CA GLU B 108 13.98 -13.18 -2.52
C GLU B 108 12.60 -13.31 -1.89
N LYS B 109 12.56 -14.10 -0.82
CA LYS B 109 11.33 -14.64 -0.30
C LYS B 109 11.04 -14.08 1.10
N PRO B 110 9.79 -13.70 1.37
CA PRO B 110 9.43 -13.26 2.72
C PRO B 110 9.46 -14.41 3.71
N GLN B 111 9.90 -14.11 4.93
CA GLN B 111 10.05 -15.11 5.99
C GLN B 111 8.79 -15.20 6.87
N PHE B 112 8.59 -16.34 7.52
CA PHE B 112 7.41 -16.58 8.36
C PHE B 112 7.82 -17.16 9.71
N GLU B 113 7.43 -16.46 10.77
CA GLU B 113 7.86 -16.75 12.12
C GLU B 113 6.80 -16.19 13.05
N ASN B 114 6.46 -16.93 14.11
CA ASN B 114 5.49 -16.44 15.11
C ASN B 114 4.19 -15.92 14.52
N GLY B 115 3.73 -16.54 13.44
CA GLY B 115 2.46 -16.18 12.82
C GLY B 115 2.50 -14.94 11.95
N GLN B 116 3.67 -14.30 11.83
CA GLN B 116 3.81 -13.10 11.01
C GLN B 116 4.79 -13.23 9.83
N LEU B 117 4.43 -12.61 8.71
CA LEU B 117 5.34 -12.47 7.58
C LEU B 117 6.36 -11.37 7.84
N VAL B 118 7.57 -11.59 7.34
CA VAL B 118 8.68 -10.67 7.51
C VAL B 118 9.22 -10.31 6.14
N PHE B 119 9.24 -9.02 5.84
CA PHE B 119 9.66 -8.55 4.52
C PHE B 119 10.92 -7.71 4.61
N ASP B 120 11.62 -7.62 3.49
CA ASP B 120 12.73 -6.68 3.35
C ASP B 120 12.42 -5.66 2.27
N THR B 121 12.18 -4.41 2.68
CA THR B 121 11.74 -3.35 1.77
C THR B 121 12.81 -2.26 1.56
N THR B 122 14.08 -2.60 1.78
CA THR B 122 15.18 -1.62 1.76
C THR B 122 16.19 -1.82 0.61
N GLN B 123 16.01 -2.87 -0.18
CA GLN B 123 16.94 -3.21 -1.25
CA GLN B 123 16.94 -3.21 -1.25
C GLN B 123 16.68 -2.34 -2.49
N GLN B 124 17.75 -1.93 -3.17
CA GLN B 124 17.65 -1.19 -4.44
C GLN B 124 18.37 -1.94 -5.57
N GLU B 125 19.45 -2.62 -5.21
CA GLU B 125 20.19 -3.45 -6.18
C GLU B 125 19.94 -4.91 -5.89
N VAL B 126 19.57 -5.64 -6.94
CA VAL B 126 19.33 -7.08 -6.81
C VAL B 126 20.37 -7.76 -7.68
N THR B 127 21.22 -8.59 -7.06
CA THR B 127 22.24 -9.35 -7.79
C THR B 127 22.13 -10.84 -7.49
N PHE B 128 22.66 -11.66 -8.39
CA PHE B 128 22.43 -13.10 -8.36
C PHE B 128 23.33 -13.75 -9.40
N THR B 129 23.46 -15.07 -9.34
CA THR B 129 24.35 -15.80 -10.24
C THR B 129 23.57 -16.38 -11.42
N ILE B 130 24.07 -16.16 -12.63
CA ILE B 130 23.62 -16.91 -13.80
C ILE B 130 24.23 -18.30 -13.62
N PRO B 131 23.36 -19.35 -13.52
CA PRO B 131 23.84 -20.69 -13.21
C PRO B 131 24.99 -21.12 -14.13
N LYS B 132 26.00 -21.76 -13.55
CA LYS B 132 27.22 -22.11 -14.27
C LYS B 132 26.96 -23.12 -15.39
N SER B 133 25.97 -23.99 -15.18
CA SER B 133 25.64 -25.03 -16.16
C SER B 133 24.64 -24.58 -17.23
N LEU B 134 24.18 -23.33 -17.16
CA LEU B 134 23.29 -22.80 -18.20
C LEU B 134 23.95 -22.92 -19.57
N PRO B 135 23.25 -23.53 -20.55
CA PRO B 135 23.77 -23.59 -21.93
C PRO B 135 24.00 -22.22 -22.54
N SER B 136 25.08 -22.12 -23.32
CA SER B 136 25.40 -20.90 -24.05
C SER B 136 24.27 -20.54 -25.01
N GLY B 137 24.05 -19.25 -25.19
CA GLY B 137 23.01 -18.78 -26.11
C GLY B 137 22.39 -17.47 -25.69
N GLN B 138 21.44 -17.01 -26.48
CA GLN B 138 20.69 -15.78 -26.22
C GLN B 138 19.59 -16.06 -25.22
N TYR B 139 19.42 -15.15 -24.26
CA TYR B 139 18.41 -15.32 -23.22
C TYR B 139 17.74 -14.01 -22.87
N LEU B 140 16.49 -14.10 -22.44
CA LEU B 140 15.86 -13.02 -21.69
C LEU B 140 16.06 -13.30 -20.20
N LEU B 141 16.29 -12.22 -19.45
CA LEU B 141 16.47 -12.26 -18.00
C LEU B 141 15.43 -11.35 -17.37
N ARG B 142 14.40 -11.95 -16.76
CA ARG B 142 13.26 -11.18 -16.27
C ARG B 142 13.25 -11.12 -14.76
N ILE B 143 13.39 -9.90 -14.22
CA ILE B 143 13.20 -9.66 -12.79
C ILE B 143 11.73 -9.28 -12.56
N GLU B 144 11.16 -9.80 -11.47
CA GLU B 144 9.77 -9.53 -11.12
C GLU B 144 9.68 -9.37 -9.62
N GLN B 145 9.14 -8.25 -9.16
CA GLN B 145 8.70 -8.19 -7.77
C GLN B 145 7.17 -8.16 -7.75
N ILE B 146 6.61 -9.10 -6.99
CA ILE B 146 5.18 -9.15 -6.73
C ILE B 146 4.95 -8.42 -5.42
N ALA B 147 4.45 -7.19 -5.53
CA ALA B 147 4.17 -6.35 -4.37
C ALA B 147 2.84 -6.77 -3.77
N LEU B 148 2.84 -7.02 -2.46
CA LEU B 148 1.70 -7.65 -1.80
C LEU B 148 0.98 -6.74 -0.79
N HIS B 149 1.35 -5.48 -0.76
CA HIS B 149 0.77 -4.55 0.23
C HIS B 149 -0.72 -4.35 0.13
N VAL B 150 -1.29 -4.61 -1.05
CA VAL B 150 -2.75 -4.54 -1.27
C VAL B 150 -3.31 -5.77 -1.99
N ALA B 151 -2.70 -6.94 -1.73
CA ALA B 151 -2.99 -8.15 -2.48
C ALA B 151 -4.13 -9.02 -1.93
N SER B 152 -4.84 -8.53 -0.93
CA SER B 152 -5.96 -9.28 -0.34
C SER B 152 -7.14 -9.52 -1.28
N SER B 153 -7.23 -8.75 -2.36
CA SER B 153 -8.30 -8.93 -3.35
C SER B 153 -7.74 -9.41 -4.69
N TYR B 154 -8.58 -10.05 -5.50
CA TYR B 154 -8.13 -10.49 -6.83
C TYR B 154 -7.67 -9.30 -7.67
N GLY B 155 -6.48 -9.43 -8.27
CA GLY B 155 -5.93 -8.38 -9.11
C GLY B 155 -5.29 -7.25 -8.32
N GLY B 156 -5.19 -7.46 -7.00
CA GLY B 156 -4.63 -6.47 -6.08
C GLY B 156 -3.11 -6.50 -6.03
N ALA B 157 -2.52 -7.67 -6.25
CA ALA B 157 -1.07 -7.80 -6.35
C ALA B 157 -0.52 -6.89 -7.46
N GLN B 158 0.64 -6.29 -7.21
CA GLN B 158 1.25 -5.39 -8.18
C GLN B 158 2.57 -5.96 -8.67
N PHE B 159 2.73 -6.04 -9.98
CA PHE B 159 3.91 -6.66 -10.55
C PHE B 159 4.80 -5.60 -11.16
N TYR B 160 6.04 -5.54 -10.67
CA TYR B 160 7.06 -4.64 -11.20
C TYR B 160 8.10 -5.51 -11.90
N ILE B 161 8.31 -5.22 -13.19
N ILE B 161 8.27 -5.31 -13.21
CA ILE B 161 8.96 -6.15 -14.14
CA ILE B 161 9.12 -6.20 -13.96
C ILE B 161 10.03 -5.46 -14.99
C ILE B 161 10.08 -5.47 -14.90
N GLY B 162 11.12 -6.18 -15.29
CA GLY B 162 12.11 -5.70 -16.25
C GLY B 162 12.71 -6.91 -16.94
N CYS B 163 12.91 -6.82 -18.25
CA CYS B 163 13.57 -7.88 -19.01
C CYS B 163 14.87 -7.38 -19.60
N ALA B 164 15.97 -7.98 -19.16
CA ALA B 164 17.29 -7.72 -19.76
C ALA B 164 17.56 -8.71 -20.88
N GLN B 165 18.33 -8.27 -21.86
CA GLN B 165 18.67 -9.08 -23.03
C GLN B 165 20.11 -9.55 -22.88
N LEU B 166 20.31 -10.87 -22.87
CA LEU B 166 21.63 -11.46 -22.65
C LEU B 166 22.13 -12.34 -23.79
N ASN B 167 23.45 -12.27 -24.00
CA ASN B 167 24.19 -13.22 -24.80
C ASN B 167 25.09 -14.00 -23.84
N VAL B 168 24.69 -15.22 -23.49
CA VAL B 168 25.41 -16.02 -22.50
C VAL B 168 26.49 -16.85 -23.19
N GLU B 169 27.75 -16.57 -22.84
CA GLU B 169 28.90 -17.33 -23.34
C GLU B 169 29.43 -18.29 -22.28
N ASN B 170 30.31 -19.20 -22.71
CA ASN B 170 31.00 -20.13 -21.80
C ASN B 170 30.03 -20.96 -20.94
N GLY B 171 28.92 -21.35 -21.55
CA GLY B 171 27.88 -22.10 -20.87
C GLY B 171 28.18 -23.57 -20.63
N GLY B 172 27.22 -24.25 -20.01
CA GLY B 172 27.38 -25.64 -19.62
C GLY B 172 26.38 -26.55 -20.28
N ASN B 173 26.16 -27.70 -19.67
CA ASN B 173 25.35 -28.76 -20.26
C ASN B 173 24.07 -29.02 -19.47
N GLY B 174 23.65 -28.04 -18.68
CA GLY B 174 22.45 -28.18 -17.87
C GLY B 174 21.19 -28.23 -18.72
N THR B 175 20.13 -28.80 -18.16
CA THR B 175 18.82 -28.81 -18.79
C THR B 175 17.83 -28.11 -17.85
N PRO B 176 17.65 -26.78 -18.01
CA PRO B 176 16.79 -25.97 -17.14
C PRO B 176 15.33 -26.45 -17.06
N GLY B 177 14.77 -26.41 -15.85
CA GLY B 177 13.41 -26.86 -15.62
C GLY B 177 13.07 -26.74 -14.15
N PRO B 178 11.78 -26.79 -13.80
CA PRO B 178 10.62 -26.91 -14.70
C PRO B 178 10.34 -25.61 -15.48
N LEU B 179 9.62 -25.74 -16.59
CA LEU B 179 9.39 -24.63 -17.51
C LEU B 179 7.94 -24.14 -17.52
N VAL B 180 7.77 -22.83 -17.68
CA VAL B 180 6.46 -22.20 -17.68
C VAL B 180 6.35 -21.17 -18.83
N SER B 181 5.13 -20.71 -19.08
CA SER B 181 4.89 -19.62 -20.03
C SER B 181 4.63 -18.35 -19.25
N ILE B 182 4.98 -17.22 -19.84
CA ILE B 182 4.62 -15.89 -19.31
C ILE B 182 4.04 -15.04 -20.46
N PRO B 183 2.74 -14.70 -20.38
CA PRO B 183 1.75 -15.07 -19.37
C PRO B 183 1.45 -16.59 -19.36
N GLY B 184 0.97 -17.09 -18.22
CA GLY B 184 0.62 -18.50 -18.07
C GLY B 184 1.05 -19.02 -16.71
N VAL B 185 2.18 -18.53 -16.24
CA VAL B 185 2.79 -18.97 -14.98
C VAL B 185 1.86 -18.78 -13.77
N TYR B 186 1.10 -17.67 -13.74
CA TYR B 186 0.15 -17.38 -12.66
C TYR B 186 -1.29 -17.26 -13.14
N THR B 187 -2.22 -17.58 -12.24
CA THR B 187 -3.64 -17.42 -12.52
C THR B 187 -4.17 -16.20 -11.78
N GLY B 188 -3.47 -15.78 -10.73
CA GLY B 188 -3.93 -14.71 -9.84
C GLY B 188 -4.61 -15.23 -8.58
N TYR B 189 -4.81 -16.53 -8.50
CA TYR B 189 -5.46 -17.14 -7.34
C TYR B 189 -4.48 -17.82 -6.40
N GLU B 190 -3.21 -17.84 -6.78
CA GLU B 190 -2.14 -18.44 -5.98
C GLU B 190 -2.17 -17.88 -4.55
N PRO B 191 -1.89 -18.75 -3.55
CA PRO B 191 -1.92 -18.31 -2.16
C PRO B 191 -0.81 -17.32 -1.82
N GLY B 192 0.20 -17.20 -2.70
CA GLY B 192 1.25 -16.20 -2.53
C GLY B 192 0.99 -14.91 -3.28
N ILE B 193 -0.11 -14.87 -4.02
CA ILE B 193 -0.47 -13.70 -4.83
C ILE B 193 -1.78 -13.09 -4.35
N LEU B 194 -2.78 -13.95 -4.15
CA LEU B 194 -4.06 -13.57 -3.56
C LEU B 194 -3.96 -13.82 -2.04
N ILE B 195 -3.58 -12.78 -1.30
CA ILE B 195 -3.10 -12.95 0.08
C ILE B 195 -3.24 -11.67 0.91
N ASN B 196 -3.75 -11.82 2.13
CA ASN B 196 -3.71 -10.73 3.11
C ASN B 196 -2.49 -10.91 4.02
N ILE B 197 -1.45 -10.12 3.77
CA ILE B 197 -0.19 -10.25 4.49
C ILE B 197 -0.27 -9.77 5.95
N TYR B 198 -1.34 -9.05 6.28
CA TYR B 198 -1.49 -8.45 7.60
C TYR B 198 -2.32 -9.31 8.53
N ASN B 199 -3.26 -10.05 7.96
CA ASN B 199 -4.12 -10.97 8.68
C ASN B 199 -4.21 -12.29 7.93
N LEU B 200 -3.28 -13.18 8.24
CA LEU B 200 -3.09 -14.45 7.51
C LEU B 200 -4.13 -15.51 7.91
N PRO B 201 -4.49 -16.40 6.97
CA PRO B 201 -5.51 -17.42 7.27
C PRO B 201 -5.09 -18.40 8.36
N LYS B 202 -6.06 -19.12 8.92
CA LYS B 202 -5.82 -20.09 10.00
C LYS B 202 -4.72 -21.09 9.64
N ASN B 203 -4.97 -21.89 8.61
CA ASN B 203 -3.99 -22.87 8.14
C ASN B 203 -2.93 -22.23 7.23
N PHE B 204 -2.14 -21.32 7.80
CA PHE B 204 -1.00 -20.71 7.08
C PHE B 204 0.32 -21.12 7.71
N THR B 205 1.08 -21.93 6.98
CA THR B 205 2.34 -22.48 7.47
C THR B 205 3.61 -21.69 7.09
N GLY B 206 3.49 -20.81 6.09
CA GLY B 206 4.64 -20.07 5.56
C GLY B 206 4.30 -19.55 4.18
N TYR B 207 5.13 -18.64 3.65
CA TYR B 207 4.84 -18.03 2.34
C TYR B 207 5.04 -19.02 1.20
N PRO B 208 3.97 -19.31 0.43
CA PRO B 208 4.10 -20.23 -0.69
C PRO B 208 4.54 -19.50 -1.96
N ALA B 209 5.83 -19.60 -2.29
CA ALA B 209 6.36 -18.95 -3.48
C ALA B 209 5.60 -19.44 -4.70
N PRO B 210 5.00 -18.51 -5.47
CA PRO B 210 4.25 -18.89 -6.67
C PRO B 210 5.22 -19.21 -7.80
N GLY B 211 4.73 -19.87 -8.86
CA GLY B 211 5.59 -20.20 -9.99
C GLY B 211 6.50 -21.40 -9.75
N PRO B 212 7.40 -21.66 -10.71
CA PRO B 212 8.21 -22.89 -10.68
C PRO B 212 9.33 -22.86 -9.65
N ALA B 213 9.74 -24.06 -9.21
CA ALA B 213 10.92 -24.20 -8.36
C ALA B 213 12.15 -23.58 -9.00
N VAL B 214 13.04 -23.04 -8.16
CA VAL B 214 14.32 -22.50 -8.61
C VAL B 214 15.13 -23.61 -9.27
N TRP B 215 15.68 -23.31 -10.45
CA TRP B 215 16.56 -24.26 -11.13
C TRP B 215 17.97 -24.10 -10.66
N GLN B 216 18.43 -25.09 -9.91
CA GLN B 216 19.78 -25.07 -9.33
C GLN B 216 20.77 -25.68 -10.33
N GLY B 217 21.36 -24.81 -11.15
CA GLY B 217 22.30 -25.24 -12.18
C GLY B 217 23.71 -24.75 -11.93
CU CU C . -6.45 2.51 -0.55
C1 GOL D . -5.05 0.96 -2.81
O1 GOL D . -5.75 -0.28 -2.97
C2 GOL D . -3.63 0.87 -3.36
O2 GOL D . -3.52 1.67 -4.54
C3 GOL D . -2.63 1.36 -2.33
O3 GOL D . -2.88 2.71 -1.92
C1 MAN E . -31.75 2.51 21.40
C2 MAN E . -32.51 3.46 22.33
C3 MAN E . -31.57 4.46 23.01
C4 MAN E . -30.32 3.80 23.60
C5 MAN E . -29.69 2.84 22.60
C6 MAN E . -28.45 2.10 23.12
O2 MAN E . -33.20 2.70 23.30
O3 MAN E . -32.28 5.17 24.01
O4 MAN E . -29.39 4.79 23.97
O5 MAN E . -30.67 1.91 22.12
O6 MAN E . -28.73 1.21 24.17
CU CU F . 3.90 1.26 -5.74
C1 GOL G . 2.02 4.00 -4.28
O1 GOL G . 3.26 4.11 -3.55
C2 GOL G . 1.11 2.99 -3.59
O2 GOL G . -0.23 3.50 -3.56
C3 GOL G . 1.13 1.66 -4.35
O3 GOL G . -0.11 0.98 -4.19
#